data_1TQG
#
_entry.id   1TQG
#
_cell.length_a   27.381
_cell.length_b   37.419
_cell.length_c   87.542
_cell.angle_alpha   90.00
_cell.angle_beta   90.00
_cell.angle_gamma   90.00
#
_symmetry.space_group_name_H-M   'P 2 2 21'
#
loop_
_entity.id
_entity.type
_entity.pdbx_description
1 polymer 'Chemotaxis protein cheA'
2 water water
#
_entity_poly.entity_id   1
_entity_poly.type   'polypeptide(L)'
_entity_poly.pdbx_seq_one_letter_code
;GSHMEYLGVFVDETKEYLQNLNDTLLELEKNPEDMELINEAFRALHTLKGMAGTMGFSSMAKLCHTLENILDKARNSEIK
ITSDLLDKIFAGVDMITRMVDKIVS
;
_entity_poly.pdbx_strand_id   A
#
# COMPACT_ATOMS: atom_id res chain seq x y z
N GLY A 1 9.76 0.22 -27.69
CA GLY A 1 8.91 -0.02 -26.55
C GLY A 1 7.96 -1.18 -26.63
N SER A 2 7.95 -2.03 -25.62
CA SER A 2 7.07 -3.20 -25.63
C SER A 2 6.30 -3.25 -24.35
N HIS A 3 5.24 -4.02 -24.38
CA HIS A 3 4.49 -4.21 -23.11
C HIS A 3 5.36 -4.81 -22.02
N MET A 4 6.17 -5.81 -22.31
CA MET A 4 6.96 -6.36 -21.25
C MET A 4 7.92 -5.36 -20.67
N GLU A 5 8.48 -4.51 -21.54
CA GLU A 5 9.33 -3.42 -21.03
C GLU A 5 8.57 -2.53 -20.05
N TYR A 6 7.36 -2.14 -20.43
CA TYR A 6 6.59 -1.24 -19.56
C TYR A 6 6.08 -1.93 -18.34
N LEU A 7 5.87 -3.24 -18.37
CA LEU A 7 5.62 -3.97 -17.14
C LEU A 7 6.78 -3.87 -16.18
N GLY A 8 7.99 -3.92 -16.70
CA GLY A 8 9.16 -3.74 -15.83
C GLY A 8 9.19 -2.38 -15.18
N VAL A 9 8.84 -1.36 -15.96
CA VAL A 9 8.77 0.01 -15.43
C VAL A 9 7.67 0.11 -14.34
N PHE A 10 6.50 -0.42 -14.63
CA PHE A 10 5.42 -0.48 -13.70
C PHE A 10 5.85 -1.15 -12.36
N VAL A 11 6.49 -2.28 -12.47
CA VAL A 11 6.90 -2.97 -11.21
C VAL A 11 7.91 -2.13 -10.46
N ASP A 12 8.89 -1.51 -11.16
CA ASP A 12 9.89 -0.70 -10.49
C ASP A 12 9.24 0.49 -9.80
N GLU A 13 8.33 1.15 -10.49
CA GLU A 13 7.66 2.31 -9.89
C GLU A 13 6.81 1.90 -8.71
N THR A 14 6.03 0.84 -8.84
CA THR A 14 5.18 0.36 -7.77
C THR A 14 6.01 0.00 -6.55
N LYS A 15 7.18 -0.62 -6.72
CA LYS A 15 8.04 -0.91 -5.57
C LYS A 15 8.49 0.34 -4.85
N GLU A 16 8.73 1.42 -5.52
CA GLU A 16 9.07 2.65 -4.82
C GLU A 16 7.98 3.07 -3.87
N TYR A 17 6.72 3.01 -4.36
CA TYR A 17 5.57 3.43 -3.56
C TYR A 17 5.29 2.46 -2.43
N LEU A 18 5.49 1.16 -2.67
CA LEU A 18 5.35 0.20 -1.57
C LEU A 18 6.41 0.43 -0.53
N GLN A 19 7.64 0.80 -0.86
CA GLN A 19 8.66 1.14 0.13
C GLN A 19 8.27 2.39 0.91
N ASN A 20 7.75 3.36 0.23
CA ASN A 20 7.29 4.58 0.92
C ASN A 20 6.22 4.23 1.93
N LEU A 21 5.28 3.39 1.52
CA LEU A 21 4.20 3.02 2.43
C LEU A 21 4.68 2.28 3.62
N ASN A 22 5.20 1.08 3.18
N ASN A 22 5.84 1.58 3.55
CA ASN A 22 5.56 0.09 4.17
CA ASN A 22 6.46 0.94 4.71
C ASN A 22 6.27 0.82 5.30
C ASN A 22 7.10 1.96 5.64
N ASP A 23 7.21 1.67 4.95
N ASP A 23 7.80 2.91 5.09
CA ASP A 23 7.85 2.60 5.83
CA ASP A 23 8.45 4.00 5.81
C ASP A 23 6.93 3.57 6.58
C ASP A 23 7.44 4.83 6.56
N THR A 24 5.93 4.15 5.95
N THR A 24 6.39 5.24 5.86
CA THR A 24 4.97 5.02 6.57
CA THR A 24 5.38 6.10 6.44
C THR A 24 4.14 4.25 7.58
C THR A 24 4.65 5.40 7.58
N LEU A 25 3.69 3.06 7.17
N LEU A 25 4.25 4.19 7.32
CA LEU A 25 2.91 2.30 8.14
CA LEU A 25 3.45 3.47 8.32
C LEU A 25 3.72 1.89 9.34
C LEU A 25 4.26 3.13 9.55
N LEU A 26 5.03 1.60 9.19
N LEU A 26 5.56 2.90 9.43
CA LEU A 26 5.89 1.27 10.36
CA LEU A 26 6.39 2.74 10.62
C LEU A 26 5.92 2.48 11.27
C LEU A 26 6.36 3.98 11.48
N GLU A 27 5.91 3.68 10.71
N GLU A 27 6.42 5.15 10.92
CA GLU A 27 5.91 4.87 11.56
CA GLU A 27 6.32 6.40 11.68
C GLU A 27 4.55 5.04 12.22
C GLU A 27 4.92 6.62 12.21
N LEU A 28 3.48 4.68 11.51
N LEU A 28 3.89 6.28 11.46
CA LEU A 28 2.13 4.77 12.10
CA LEU A 28 2.50 6.44 11.88
C LEU A 28 1.97 3.77 13.23
C LEU A 28 2.26 5.64 13.14
N GLU A 29 2.75 2.69 13.26
N GLU A 29 2.88 4.48 13.22
CA GLU A 29 2.72 1.79 14.40
CA GLU A 29 2.65 3.66 14.42
C GLU A 29 3.11 2.48 15.68
C GLU A 29 3.22 4.35 15.66
N LYS A 30 3.97 3.47 15.50
N LYS A 30 4.25 5.16 15.54
CA LYS A 30 4.52 4.15 16.67
CA LYS A 30 4.80 5.91 16.66
C LYS A 30 3.68 5.36 17.00
C LYS A 30 3.86 7.04 17.09
N ASN A 31 3.16 6.02 15.95
N ASN A 31 3.04 7.56 16.21
CA ASN A 31 2.45 7.26 16.14
CA ASN A 31 2.04 8.60 16.54
C ASN A 31 1.18 7.42 15.32
C ASN A 31 0.81 8.37 15.66
N PRO A 32 0.02 6.99 15.83
N PRO A 32 -0.08 7.42 15.96
CA PRO A 32 -1.23 7.06 15.07
C PRO A 32 -2.10 8.29 14.86
N GLU A 33 -1.99 9.42 15.55
CA GLU A 33 -2.85 10.57 15.31
C GLU A 33 -2.19 11.53 14.33
N ASP A 34 -0.99 11.17 13.83
CA ASP A 34 -0.33 12.14 12.95
C ASP A 34 -0.98 12.14 11.59
N MET A 35 -1.74 13.18 11.34
CA MET A 35 -2.52 13.33 10.10
C MET A 35 -1.65 13.47 8.87
N GLU A 36 -0.42 14.00 9.04
CA GLU A 36 0.42 14.09 7.86
C GLU A 36 0.83 12.69 7.40
N LEU A 37 1.20 11.86 8.34
CA LEU A 37 1.56 10.51 8.00
C LEU A 37 0.37 9.74 7.44
N ILE A 38 -0.81 9.96 8.01
CA ILE A 38 -2.02 9.35 7.41
C ILE A 38 -2.15 9.80 5.96
N ASN A 39 -2.00 11.07 5.72
CA ASN A 39 -2.06 11.61 4.38
C ASN A 39 -0.98 11.02 3.45
N GLU A 40 0.22 10.83 3.93
CA GLU A 40 1.27 10.21 3.16
C GLU A 40 0.88 8.83 2.66
N ALA A 41 0.34 8.07 3.61
CA ALA A 41 -0.09 6.74 3.23
C ALA A 41 -1.23 6.77 2.24
N PHE A 42 -2.23 7.61 2.48
CA PHE A 42 -3.29 7.78 1.52
C PHE A 42 -2.76 8.07 0.10
N ARG A 43 -1.81 9.03 0.01
CA ARG A 43 -1.31 9.48 -1.27
C ARG A 43 -0.61 8.36 -2.06
N ALA A 44 0.17 7.55 -1.29
CA ALA A 44 0.87 6.43 -1.96
C ALA A 44 -0.13 5.41 -2.47
N LEU A 45 -1.14 5.06 -1.65
CA LEU A 45 -2.16 4.11 -2.10
C LEU A 45 -2.92 4.65 -3.28
N HIS A 46 -3.24 5.92 -3.27
CA HIS A 46 -3.99 6.53 -4.37
C HIS A 46 -3.15 6.47 -5.64
N THR A 47 -1.85 6.75 -5.55
CA THR A 47 -0.97 6.66 -6.72
C THR A 47 -0.96 5.22 -7.25
N LEU A 48 -0.82 4.24 -6.36
CA LEU A 48 -0.84 2.82 -6.80
C LEU A 48 -2.13 2.46 -7.48
N LYS A 49 -3.26 2.93 -6.97
CA LYS A 49 -4.54 2.65 -7.58
C LYS A 49 -4.56 3.17 -8.99
N GLY A 50 -4.10 4.40 -9.16
CA GLY A 50 -4.11 5.00 -10.49
C GLY A 50 -3.17 4.30 -11.47
N MET A 51 -1.99 3.90 -11.00
CA MET A 51 -1.10 3.11 -11.86
C MET A 51 -1.74 1.82 -12.28
N ALA A 52 -2.32 1.11 -11.36
CA ALA A 52 -2.99 -0.14 -11.72
C ALA A 52 -4.08 0.11 -12.74
N GLY A 53 -4.85 1.21 -12.59
CA GLY A 53 -5.90 1.47 -13.52
C GLY A 53 -5.42 1.70 -14.93
N THR A 54 -4.25 2.34 -15.10
CA THR A 54 -3.76 2.63 -16.47
C THR A 54 -3.24 1.36 -17.10
N MET A 55 -2.95 0.31 -16.35
CA MET A 55 -2.52 -0.98 -16.88
C MET A 55 -3.71 -1.93 -17.03
N GLY A 56 -4.88 -1.58 -16.53
CA GLY A 56 -6.05 -2.42 -16.52
C GLY A 56 -5.96 -3.57 -15.51
N PHE A 57 -5.20 -3.39 -14.45
CA PHE A 57 -5.03 -4.42 -13.44
C PHE A 57 -6.15 -4.29 -12.40
N SER A 58 -7.29 -4.85 -12.70
CA SER A 58 -8.51 -4.66 -11.96
C SER A 58 -8.40 -5.05 -10.50
N SER A 59 -7.86 -6.22 -10.24
CA SER A 59 -7.82 -6.69 -8.86
C SER A 59 -6.86 -5.82 -8.06
N MET A 60 -5.73 -5.43 -8.63
CA MET A 60 -4.83 -4.59 -7.87
C MET A 60 -5.51 -3.25 -7.62
N ALA A 61 -6.16 -2.70 -8.62
CA ALA A 61 -6.82 -1.36 -8.46
C ALA A 61 -7.85 -1.44 -7.39
N LYS A 62 -8.68 -2.50 -7.38
CA LYS A 62 -9.75 -2.57 -6.38
C LYS A 62 -9.16 -2.77 -5.00
N LEU A 63 -8.12 -3.52 -4.83
CA LEU A 63 -7.45 -3.68 -3.55
C LEU A 63 -6.88 -2.33 -3.07
N CYS A 64 -6.17 -1.65 -3.97
CA CYS A 64 -5.67 -0.32 -3.59
C CYS A 64 -6.78 0.63 -3.23
N HIS A 65 -7.93 0.52 -3.88
CA HIS A 65 -9.07 1.35 -3.56
C HIS A 65 -9.62 1.01 -2.18
N THR A 66 -9.80 -0.25 -1.85
CA THR A 66 -10.25 -0.66 -0.52
C THR A 66 -9.32 -0.11 0.53
N LEU A 67 -8.01 -0.18 0.30
CA LEU A 67 -7.04 0.28 1.29
C LEU A 67 -7.03 1.77 1.40
N GLU A 68 -7.09 2.47 0.26
CA GLU A 68 -7.14 3.92 0.23
C GLU A 68 -8.40 4.36 1.01
N ASN A 69 -9.52 3.66 0.89
CA ASN A 69 -10.70 4.06 1.62
C ASN A 69 -10.48 4.01 3.08
N ILE A 70 -9.74 3.07 3.65
CA ILE A 70 -9.39 3.03 5.09
C ILE A 70 -8.64 4.31 5.44
N LEU A 71 -7.58 4.64 4.69
CA LEU A 71 -6.81 5.82 5.01
C LEU A 71 -7.56 7.09 4.79
N ASP A 72 -8.50 7.09 3.85
CA ASP A 72 -9.31 8.27 3.61
C ASP A 72 -10.28 8.52 4.76
N LYS A 73 -10.87 7.44 5.26
CA LYS A 73 -11.69 7.57 6.49
C LYS A 73 -10.84 8.12 7.62
N ALA A 74 -9.61 7.62 7.76
CA ALA A 74 -8.79 8.03 8.88
C ALA A 74 -8.38 9.49 8.72
N ARG A 75 -8.07 9.94 7.47
CA ARG A 75 -7.60 11.33 7.31
C ARG A 75 -8.75 12.31 7.57
N ASN A 76 -10.03 11.92 7.44
CA ASN A 76 -11.17 12.77 7.75
C ASN A 76 -11.67 12.49 9.16
N SER A 77 -10.89 11.80 9.99
CA SER A 77 -11.18 11.50 11.38
C SER A 77 -12.47 10.74 11.55
N GLU A 78 -12.84 9.90 10.59
CA GLU A 78 -14.01 9.06 10.65
C GLU A 78 -13.76 7.79 11.45
N ILE A 79 -12.50 7.36 11.43
CA ILE A 79 -12.01 6.20 12.13
C ILE A 79 -10.60 6.48 12.67
N LYS A 80 -10.18 5.75 13.66
CA LYS A 80 -8.87 5.94 14.28
C LYS A 80 -7.94 4.83 13.75
N ILE A 81 -6.67 5.19 13.68
CA ILE A 81 -5.64 4.17 13.36
C ILE A 81 -5.39 3.27 14.54
N THR A 82 -5.80 2.04 14.53
N THR A 82 -5.61 1.97 14.38
CA THR A 82 -5.57 1.25 15.76
CA THR A 82 -5.44 0.79 15.21
C THR A 82 -4.54 0.22 15.38
C THR A 82 -4.49 -0.24 14.61
N SER A 83 -4.01 -0.55 16.31
N SER A 83 -3.93 -1.13 15.45
CA SER A 83 -3.22 -1.69 15.93
CA SER A 83 -2.95 -2.06 14.91
C SER A 83 -3.88 -2.60 14.92
C SER A 83 -3.64 -3.07 14.01
N ASP A 84 -5.14 -2.92 15.17
N ASP A 84 -4.87 -3.45 14.33
CA ASP A 84 -5.86 -3.81 14.29
CA ASP A 84 -5.63 -4.28 13.41
C ASP A 84 -5.90 -3.17 12.91
C ASP A 84 -5.76 -3.65 12.04
N LEU A 85 -6.17 -1.87 12.83
N LEU A 85 -5.98 -2.35 11.97
CA LEU A 85 -6.28 -1.26 11.50
CA LEU A 85 -6.16 -1.61 10.74
C LEU A 85 -4.95 -1.32 10.76
C LEU A 85 -4.88 -1.67 9.92
N LEU A 86 -3.93 -1.07 11.59
N LEU A 86 -3.78 -1.45 10.64
CA LEU A 86 -2.60 -1.11 10.95
CA LEU A 86 -2.48 -1.44 10.01
C LEU A 86 -2.29 -2.50 10.41
C LEU A 86 -2.13 -2.81 9.46
N ASP A 87 -2.74 -3.53 11.09
N ASP A 87 -2.51 -3.83 10.24
CA ASP A 87 -2.53 -4.88 10.60
CA ASP A 87 -2.26 -5.15 9.65
C ASP A 87 -3.21 -5.02 9.23
C ASP A 87 -2.98 -5.34 8.31
N LYS A 88 -4.40 -4.46 9.11
N LYS A 88 -4.19 -4.81 8.14
CA LYS A 88 -5.15 -4.54 7.87
CA LYS A 88 -4.89 -4.91 6.86
C LYS A 88 -4.46 -3.80 6.74
C LYS A 88 -4.09 -4.26 5.73
N ILE A 89 -3.97 -2.60 7.04
N ILE A 89 -3.55 -3.08 6.01
CA ILE A 89 -3.26 -1.83 6.03
CA ILE A 89 -2.78 -2.33 5.02
C ILE A 89 -1.95 -2.47 5.60
C ILE A 89 -1.48 -3.05 4.69
N PHE A 90 -1.17 -2.95 6.56
N PHE A 90 -0.74 -3.53 5.67
CA PHE A 90 0.06 -3.66 6.22
CA PHE A 90 0.45 -4.34 5.48
C PHE A 90 -0.22 -4.93 5.42
C PHE A 90 0.10 -5.58 4.65
N ALA A 91 -1.29 -5.64 5.77
N ALA A 91 -1.03 -6.22 4.90
CA ALA A 91 -1.66 -6.81 4.98
CA ALA A 91 -1.45 -7.40 4.12
C ALA A 91 -1.95 -6.50 3.52
C ALA A 91 -1.60 -7.02 2.66
N GLY A 92 -2.57 -5.34 3.29
N GLY A 92 -2.21 -5.88 2.37
CA GLY A 92 -2.85 -4.94 1.89
CA GLY A 92 -2.38 -5.47 0.95
C GLY A 92 -1.54 -4.53 1.24
C GLY A 92 -1.04 -5.20 0.30
N VAL A 93 -0.65 -3.80 1.89
N VAL A 93 -0.16 -4.52 1.01
CA VAL A 93 0.66 -3.42 1.31
CA VAL A 93 1.20 -4.29 0.53
C VAL A 93 1.39 -4.71 0.89
C VAL A 93 1.83 -5.63 0.15
N ASP A 94 1.39 -5.69 1.80
N ASP A 94 1.67 -6.61 1.05
CA ASP A 94 2.07 -6.95 1.51
CA ASP A 94 2.35 -7.89 0.81
C ASP A 94 1.41 -7.70 0.36
C ASP A 94 1.75 -8.64 -0.36
N MET A 95 0.09 -7.65 0.22
N MET A 95 0.43 -8.50 -0.55
CA MET A 95 -0.56 -8.32 -0.90
CA MET A 95 -0.25 -9.10 -1.70
C MET A 95 -0.19 -7.60 -2.20
C MET A 95 0.22 -8.47 -3.01
N ILE A 96 -0.15 -6.26 -2.23
N ILE A 96 0.31 -7.15 -3.07
CA ILE A 96 0.23 -5.59 -3.45
CA ILE A 96 0.72 -6.44 -4.26
C ILE A 96 1.64 -5.91 -3.83
C ILE A 96 2.16 -6.75 -4.56
N THR A 97 2.49 -6.01 -2.81
N THR A 97 3.00 -6.87 -3.53
CA THR A 97 3.85 -6.45 -3.06
CA THR A 97 4.37 -7.30 -3.73
C THR A 97 3.87 -7.80 -3.79
C THR A 97 4.42 -8.64 -4.42
N ARG A 98 3.06 -8.73 -3.31
N ARG A 98 3.58 -9.60 -3.98
CA ARG A 98 3.02 -10.05 -3.90
CA ARG A 98 3.64 -10.91 -4.68
C ARG A 98 2.49 -9.98 -5.34
C ARG A 98 3.17 -10.85 -6.11
N MET A 99 1.46 -9.18 -5.56
N MET A 99 2.16 -10.02 -6.35
CA MET A 99 0.94 -8.96 -6.91
CA MET A 99 1.64 -9.85 -7.71
C MET A 99 2.01 -8.42 -7.83
C MET A 99 2.71 -9.34 -8.66
N VAL A 100 2.73 -7.41 -7.42
N VAL A 100 3.34 -8.25 -8.21
CA VAL A 100 3.75 -6.78 -8.24
CA VAL A 100 4.32 -7.63 -9.11
C VAL A 100 4.87 -7.76 -8.51
C VAL A 100 5.57 -8.50 -9.19
N ASP A 101 5.28 -8.53 -7.52
N ASP A 101 6.02 -9.23 -8.18
CA ASP A 101 6.35 -9.48 -7.74
CA ASP A 101 7.18 -10.12 -8.26
C ASP A 101 5.99 -10.60 -8.73
C ASP A 101 6.93 -11.20 -9.29
N LYS A 102 4.71 -10.93 -8.81
N LYS A 102 5.72 -11.75 -9.28
CA LYS A 102 4.08 -11.94 -9.67
CA LYS A 102 5.37 -12.76 -10.27
C LYS A 102 4.23 -11.50 -11.13
C LYS A 102 5.46 -12.27 -11.71
N ILE A 103 4.19 -10.21 -11.44
N ILE A 103 5.03 -11.03 -11.99
CA ILE A 103 4.27 -9.73 -12.82
CA ILE A 103 5.13 -10.69 -13.41
C ILE A 103 5.59 -10.19 -13.47
C ILE A 103 6.58 -10.46 -13.83
N VAL A 104 6.62 -10.19 -12.71
N VAL A 104 7.53 -10.11 -12.97
CA VAL A 104 8.02 -10.34 -13.08
CA VAL A 104 8.92 -9.97 -13.39
C VAL A 104 8.48 -11.74 -12.67
C VAL A 104 9.65 -11.28 -13.08
N SER A 105 7.53 -12.51 -12.12
N SER A 105 8.88 -12.33 -12.81
CA SER A 105 7.83 -13.87 -11.74
CA SER A 105 9.43 -13.65 -12.53
C SER A 105 8.00 -14.79 -12.94
C SER A 105 9.70 -14.38 -13.84
#